data_7EMB
#
_entry.id   7EMB
#
_cell.length_a   41.745
_cell.length_b   111.407
_cell.length_c   46.042
_cell.angle_alpha   90.000
_cell.angle_beta   102.295
_cell.angle_gamma   90.000
#
_symmetry.space_group_name_H-M   'P 1 21 1'
#
loop_
_entity.id
_entity.type
_entity.pdbx_description
1 polymer 'Leucocyte antigen'
2 polymer Beta-2-microglobulin
3 polymer ALA-ALA-ALA-ILE-GLU-GLU-GLU-ASP-ILE
4 water water
#
loop_
_entity_poly.entity_id
_entity_poly.type
_entity_poly.pdbx_seq_one_letter_code
_entity_poly.pdbx_strand_id
1 'polypeptide(L)'
;GPHSLSYFYTAVSRPDRGDSRFIAVGYVDDTQFVRFDSDAPNPRMEPRAPWIQQEGQDYWDRETRKQRDTSQTYRVGLKN
LRGYYNQSEAGSHTYQSMYGCYLGPDGLLLRGYRQYAYDGADYIALNEDLRSWTAADTAAQITKRKWETANVAERRRSYL
QGLCVESLREYLEMGKDTLQRAEPPKTHVTRHPSSDLGVTLRCWALGFYPKEISLTWQREGQDQSQDMELVETRPSGDGT
FQKWAALVVPPGEEQSYTCHVQHEGLQEPLTLRWD
;
A
2 'polypeptide(L)'
;EFVARPPKVQVYSRHPAENGKPNYLNCYVSGFHPPQIEIDLLKNGEKMNAEQSDLSFSKDWSFYLLVHTEFTPNAVDQYS
CRVKHVTLDKPKIVKWDRDH
;
B
3 'polypeptide(L)' AAAIEEEDI C
#
# COMPACT_ATOMS: atom_id res chain seq x y z
N GLY A 1 -12.37 -1.44 15.11
CA GLY A 1 -10.96 -1.26 15.41
C GLY A 1 -10.61 0.21 15.62
N PRO A 2 -9.32 0.56 15.52
CA PRO A 2 -8.95 1.98 15.48
C PRO A 2 -8.85 2.48 14.06
N HIS A 3 -9.94 3.08 13.58
CA HIS A 3 -10.05 3.52 12.20
C HIS A 3 -9.19 4.75 11.95
N SER A 4 -8.80 4.93 10.68
CA SER A 4 -7.89 6.00 10.30
C SER A 4 -8.28 6.56 8.94
N LEU A 5 -7.96 7.85 8.76
CA LEU A 5 -7.95 8.48 7.45
C LEU A 5 -6.52 8.90 7.17
N SER A 6 -6.00 8.56 5.99
CA SER A 6 -4.61 8.87 5.67
C SER A 6 -4.50 9.31 4.22
N TYR A 7 -3.59 10.25 3.93
CA TYR A 7 -3.20 10.60 2.57
C TYR A 7 -1.71 10.34 2.35
N PHE A 8 -1.35 10.05 1.09
CA PHE A 8 0.00 9.72 0.65
C PHE A 8 0.30 10.53 -0.60
N TYR A 9 1.29 11.42 -0.52
CA TYR A 9 1.69 12.29 -1.62
C TYR A 9 3.06 11.85 -2.12
N THR A 10 3.18 11.65 -3.43
CA THR A 10 4.47 11.38 -4.07
C THR A 10 4.69 12.46 -5.11
N ALA A 11 5.70 13.30 -4.92
CA ALA A 11 6.11 14.23 -5.96
C ALA A 11 7.45 13.75 -6.53
N VAL A 12 7.55 13.74 -7.85
CA VAL A 12 8.74 13.23 -8.54
C VAL A 12 9.20 14.27 -9.55
N SER A 13 10.48 14.64 -9.49
CA SER A 13 11.05 15.56 -10.45
C SER A 13 11.32 14.81 -11.74
N ARG A 14 11.04 15.45 -12.88
CA ARG A 14 11.21 14.80 -14.18
C ARG A 14 12.14 15.64 -15.04
N PRO A 15 13.44 15.34 -15.03
CA PRO A 15 14.40 16.23 -15.72
C PRO A 15 14.13 16.37 -17.21
N ASP A 16 13.97 15.25 -17.93
CA ASP A 16 13.78 15.29 -19.38
C ASP A 16 12.64 16.21 -19.78
N ARG A 17 11.47 16.05 -19.15
CA ARG A 17 10.35 16.92 -19.47
C ARG A 17 10.47 18.30 -18.84
N GLY A 18 11.42 18.50 -17.94
CA GLY A 18 11.54 19.78 -17.27
C GLY A 18 10.29 20.14 -16.49
N ASP A 19 9.72 19.18 -15.77
CA ASP A 19 8.62 19.46 -14.87
C ASP A 19 8.65 18.44 -13.74
N SER A 20 7.48 18.21 -13.13
CA SER A 20 7.34 17.19 -12.10
C SER A 20 5.92 16.65 -12.14
N ARG A 21 5.71 15.52 -11.46
CA ARG A 21 4.42 14.86 -11.38
C ARG A 21 4.06 14.63 -9.91
N PHE A 22 2.84 15.00 -9.52
CA PHE A 22 2.34 14.84 -8.16
C PHE A 22 1.20 13.85 -8.19
N ILE A 23 1.28 12.84 -7.34
CA ILE A 23 0.27 11.80 -7.22
C ILE A 23 -0.16 11.71 -5.77
N ALA A 24 -1.47 11.75 -5.53
CA ALA A 24 -2.03 11.64 -4.18
C ALA A 24 -3.08 10.55 -4.13
N VAL A 25 -3.01 9.72 -3.08
CA VAL A 25 -4.04 8.73 -2.80
C VAL A 25 -4.53 8.93 -1.37
N GLY A 26 -5.83 8.82 -1.17
CA GLY A 26 -6.45 8.89 0.16
C GLY A 26 -6.98 7.51 0.51
N TYR A 27 -6.78 7.12 1.75
CA TYR A 27 -7.30 5.87 2.29
C TYR A 27 -8.18 6.13 3.50
N VAL A 28 -9.17 5.28 3.68
CA VAL A 28 -9.80 5.06 4.98
C VAL A 28 -9.48 3.63 5.37
N ASP A 29 -8.80 3.47 6.51
CA ASP A 29 -8.31 2.16 6.92
C ASP A 29 -7.54 1.56 5.75
N ASP A 30 -7.80 0.33 5.33
CA ASP A 30 -7.10 -0.32 4.24
C ASP A 30 -7.76 -0.09 2.87
N THR A 31 -8.64 0.90 2.75
CA THR A 31 -9.49 1.05 1.58
C THR A 31 -9.13 2.36 0.87
N GLN A 32 -8.65 2.26 -0.36
CA GLN A 32 -8.37 3.48 -1.12
C GLN A 32 -9.69 4.09 -1.56
N PHE A 33 -9.84 5.40 -1.38
CA PHE A 33 -11.11 6.00 -1.82
C PHE A 33 -10.97 7.19 -2.76
N VAL A 34 -9.82 7.86 -2.84
CA VAL A 34 -9.65 8.95 -3.78
C VAL A 34 -8.26 8.89 -4.40
N ARG A 35 -8.12 9.53 -5.58
CA ARG A 35 -6.80 9.71 -6.17
C ARG A 35 -6.76 11.05 -6.91
N PHE A 36 -5.54 11.55 -7.12
CA PHE A 36 -5.25 12.75 -7.87
C PHE A 36 -3.94 12.52 -8.62
N ASP A 37 -3.92 12.86 -9.90
CA ASP A 37 -2.71 12.70 -10.71
C ASP A 37 -2.48 13.98 -11.48
N SER A 38 -1.41 14.70 -11.13
CA SER A 38 -1.09 15.96 -11.80
C SER A 38 -0.84 15.76 -13.30
N ASP A 39 -0.61 14.53 -13.75
CA ASP A 39 -0.43 14.28 -15.17
C ASP A 39 -1.75 14.23 -15.93
N ALA A 40 -2.85 13.88 -15.27
CA ALA A 40 -4.12 13.74 -15.97
C ALA A 40 -4.52 15.09 -16.57
N PRO A 41 -5.15 15.10 -17.74
CA PRO A 41 -5.58 16.39 -18.29
C PRO A 41 -6.71 16.96 -17.46
N ASN A 42 -6.70 18.28 -17.27
CA ASN A 42 -7.62 18.94 -16.36
C ASN A 42 -7.69 18.09 -15.09
N PRO A 43 -6.61 18.01 -14.31
CA PRO A 43 -6.56 17.03 -13.21
C PRO A 43 -7.61 17.31 -12.15
N ARG A 44 -8.29 16.26 -11.69
CA ARG A 44 -9.26 16.42 -10.60
C ARG A 44 -9.07 15.33 -9.56
N MET A 45 -9.54 15.62 -8.35
CA MET A 45 -9.74 14.56 -7.39
C MET A 45 -10.80 13.60 -7.92
N GLU A 46 -10.55 12.30 -7.78
CA GLU A 46 -11.40 11.33 -8.45
C GLU A 46 -11.74 10.19 -7.50
N PRO A 47 -12.98 9.68 -7.56
CA PRO A 47 -13.37 8.61 -6.65
C PRO A 47 -12.66 7.30 -6.96
N ARG A 48 -12.34 6.56 -5.92
CA ARG A 48 -11.79 5.23 -6.10
C ARG A 48 -12.49 4.18 -5.25
N ALA A 49 -13.54 4.54 -4.52
CA ALA A 49 -14.41 3.62 -3.81
C ALA A 49 -15.85 4.05 -4.08
N PRO A 50 -16.78 3.11 -4.29
CA PRO A 50 -18.15 3.54 -4.70
C PRO A 50 -18.80 4.50 -3.71
N TRP A 51 -18.59 4.31 -2.40
CA TRP A 51 -19.36 5.07 -1.42
C TRP A 51 -18.99 6.55 -1.37
N ILE A 52 -17.83 6.94 -1.89
CA ILE A 52 -17.44 8.34 -1.88
C ILE A 52 -18.14 9.12 -2.99
N GLN A 53 -18.70 8.42 -3.99
CA GLN A 53 -19.39 9.09 -5.11
C GLN A 53 -20.66 9.81 -4.67
N GLN A 54 -21.20 9.47 -3.51
CA GLN A 54 -22.33 10.26 -3.03
C GLN A 54 -21.93 11.65 -2.57
N GLU A 55 -20.65 12.01 -2.56
CA GLU A 55 -20.28 13.39 -2.28
C GLU A 55 -20.74 14.28 -3.44
N GLY A 56 -21.40 15.39 -3.10
CA GLY A 56 -21.85 16.35 -4.08
C GLY A 56 -20.71 17.13 -4.70
N GLN A 57 -21.04 17.88 -5.76
CA GLN A 57 -20.03 18.56 -6.58
C GLN A 57 -19.15 19.49 -5.77
N ASP A 58 -19.67 20.08 -4.69
CA ASP A 58 -18.83 21.00 -3.92
C ASP A 58 -17.67 20.26 -3.25
N TYR A 59 -17.90 19.02 -2.81
CA TYR A 59 -16.79 18.26 -2.25
C TYR A 59 -15.72 17.99 -3.29
N TRP A 60 -16.13 17.62 -4.50
CA TRP A 60 -15.15 17.29 -5.53
C TRP A 60 -14.42 18.55 -6.00
N ASP A 61 -15.13 19.67 -6.07
CA ASP A 61 -14.52 20.92 -6.48
C ASP A 61 -13.45 21.36 -5.49
N ARG A 62 -13.75 21.29 -4.19
CA ARG A 62 -12.83 21.84 -3.19
C ARG A 62 -11.67 20.89 -2.92
N GLU A 63 -11.90 19.57 -2.97
CA GLU A 63 -10.77 18.66 -2.92
C GLU A 63 -9.86 18.86 -4.12
N THR A 64 -10.44 19.13 -5.29
CA THR A 64 -9.63 19.37 -6.49
C THR A 64 -8.80 20.65 -6.33
N ARG A 65 -9.40 21.71 -5.81
CA ARG A 65 -8.69 22.96 -5.54
C ARG A 65 -7.43 22.72 -4.71
N LYS A 66 -7.56 22.00 -3.59
CA LYS A 66 -6.41 21.77 -2.72
C LYS A 66 -5.33 20.98 -3.42
N GLN A 67 -5.70 19.84 -4.01
CA GLN A 67 -4.69 18.99 -4.62
C GLN A 67 -3.95 19.73 -5.73
N ARG A 68 -4.65 20.58 -6.48
CA ARG A 68 -4.00 21.40 -7.49
C ARG A 68 -3.03 22.39 -6.84
N ASP A 69 -3.44 23.01 -5.72
CA ASP A 69 -2.53 23.90 -5.02
C ASP A 69 -1.33 23.14 -4.46
N THR A 70 -1.59 22.12 -3.64
CA THR A 70 -0.49 21.38 -3.04
C THR A 70 0.39 20.71 -4.09
N SER A 71 -0.16 20.43 -5.28
CA SER A 71 0.66 19.89 -6.35
C SER A 71 1.76 20.88 -6.75
N GLN A 72 1.42 22.17 -6.84
CA GLN A 72 2.42 23.15 -7.20
C GLN A 72 3.32 23.50 -6.02
N THR A 73 2.79 23.44 -4.79
CA THR A 73 3.67 23.58 -3.63
C THR A 73 4.77 22.53 -3.66
N TYR A 74 4.42 21.28 -3.98
CA TYR A 74 5.43 20.23 -3.98
C TYR A 74 6.38 20.34 -5.15
N ARG A 75 5.98 21.01 -6.24
CA ARG A 75 6.90 21.22 -7.35
C ARG A 75 7.99 22.21 -6.97
N VAL A 76 7.62 23.27 -6.25
CA VAL A 76 8.61 24.19 -5.68
C VAL A 76 9.48 23.45 -4.69
N GLY A 77 8.87 22.64 -3.82
CA GLY A 77 9.64 21.86 -2.85
C GLY A 77 10.74 21.06 -3.50
N LEU A 78 10.45 20.42 -4.63
CA LEU A 78 11.47 19.61 -5.28
C LEU A 78 12.66 20.45 -5.71
N LYS A 79 12.43 21.69 -6.15
CA LYS A 79 13.57 22.50 -6.56
C LYS A 79 14.36 22.99 -5.35
N ASN A 80 13.67 23.40 -4.28
CA ASN A 80 14.37 23.80 -3.06
C ASN A 80 15.23 22.67 -2.54
N LEU A 81 14.68 21.45 -2.47
CA LEU A 81 15.44 20.33 -1.96
C LEU A 81 16.67 20.05 -2.83
N ARG A 82 16.54 20.26 -4.14
CA ARG A 82 17.71 20.18 -5.02
C ARG A 82 18.79 21.17 -4.58
N GLY A 83 18.39 22.40 -4.23
CA GLY A 83 19.37 23.38 -3.79
C GLY A 83 20.01 23.01 -2.46
N TYR A 84 19.20 22.57 -1.49
CA TYR A 84 19.72 22.24 -0.16
C TYR A 84 20.82 21.18 -0.22
N TYR A 85 20.72 20.24 -1.17
CA TYR A 85 21.60 19.08 -1.18
C TYR A 85 22.66 19.12 -2.27
N ASN A 86 22.87 20.28 -2.89
CA ASN A 86 23.92 20.45 -3.90
C ASN A 86 23.80 19.36 -4.97
N GLN A 87 22.64 19.33 -5.59
CA GLN A 87 22.30 18.34 -6.58
C GLN A 87 22.10 19.01 -7.93
N SER A 88 22.50 18.31 -8.98
CA SER A 88 22.30 18.82 -10.33
C SER A 88 20.90 18.53 -10.79
N GLU A 89 20.53 19.19 -11.90
CA GLU A 89 19.26 18.94 -12.57
C GLU A 89 19.34 17.72 -13.48
N ALA A 90 20.36 16.90 -13.34
CA ALA A 90 20.44 15.73 -14.22
C ALA A 90 19.49 14.64 -13.78
N GLY A 91 19.43 14.36 -12.48
CA GLY A 91 18.71 13.23 -11.96
C GLY A 91 17.31 13.54 -11.49
N SER A 92 16.52 12.47 -11.34
CA SER A 92 15.17 12.55 -10.79
C SER A 92 15.20 12.25 -9.31
N HIS A 93 14.45 13.04 -8.54
CA HIS A 93 14.38 12.92 -7.10
C HIS A 93 12.93 12.82 -6.65
N THR A 94 12.71 12.18 -5.50
CA THR A 94 11.37 11.87 -5.00
C THR A 94 11.15 12.59 -3.68
N TYR A 95 9.98 13.21 -3.55
CA TYR A 95 9.62 13.98 -2.36
C TYR A 95 8.23 13.55 -1.90
N GLN A 96 8.18 12.87 -0.75
CA GLN A 96 6.94 12.27 -0.27
C GLN A 96 6.49 12.91 1.03
N SER A 97 5.17 12.95 1.21
CA SER A 97 4.56 13.26 2.51
C SER A 97 3.41 12.30 2.76
N MET A 98 3.24 11.92 4.02
CA MET A 98 2.07 11.18 4.46
C MET A 98 1.56 11.82 5.74
N TYR A 99 0.25 11.76 5.94
CA TYR A 99 -0.35 12.36 7.13
C TYR A 99 -1.71 11.72 7.35
N GLY A 100 -2.17 11.75 8.60
CA GLY A 100 -3.48 11.18 8.86
C GLY A 100 -3.84 11.22 10.34
N CYS A 101 -5.02 10.66 10.62
CA CYS A 101 -5.57 10.67 11.97
C CYS A 101 -6.11 9.28 12.32
N TYR A 102 -5.79 8.82 13.52
CA TYR A 102 -6.35 7.60 14.08
C TYR A 102 -7.48 7.96 15.03
N LEU A 103 -8.56 7.18 14.97
CA LEU A 103 -9.76 7.44 15.77
C LEU A 103 -9.78 6.50 16.95
N GLY A 104 -9.84 7.06 18.16
CA GLY A 104 -9.90 6.27 19.37
C GLY A 104 -11.31 5.79 19.64
N PRO A 105 -11.45 4.90 20.64
CA PRO A 105 -12.78 4.32 20.91
C PRO A 105 -13.78 5.33 21.46
N ASP A 106 -13.32 6.53 21.81
CA ASP A 106 -14.17 7.59 22.34
C ASP A 106 -14.55 8.60 21.28
N GLY A 107 -14.38 8.26 20.01
CA GLY A 107 -14.59 9.22 18.94
C GLY A 107 -13.56 10.32 18.87
N LEU A 108 -12.54 10.30 19.71
CA LEU A 108 -11.52 11.34 19.77
C LEU A 108 -10.27 10.94 18.99
N LEU A 109 -9.41 11.93 18.76
CA LEU A 109 -8.17 11.69 18.05
C LEU A 109 -7.26 10.83 18.92
N LEU A 110 -6.98 9.60 18.47
CA LEU A 110 -5.98 8.79 19.17
C LEU A 110 -4.57 9.28 18.87
N ARG A 111 -4.22 9.39 17.59
CA ARG A 111 -2.87 9.82 17.22
C ARG A 111 -2.91 10.51 15.87
N GLY A 112 -2.32 11.69 15.79
CA GLY A 112 -2.19 12.42 14.54
C GLY A 112 -0.76 12.35 14.05
N TYR A 113 -0.58 12.32 12.73
CA TYR A 113 0.80 12.27 12.22
C TYR A 113 0.92 13.03 10.91
N ARG A 114 2.10 13.63 10.72
CA ARG A 114 2.49 14.28 9.47
C ARG A 114 4.00 14.13 9.31
N GLN A 115 4.45 13.55 8.21
CA GLN A 115 5.88 13.44 8.00
C GLN A 115 6.21 13.57 6.52
N TYR A 116 7.50 13.79 6.26
CA TYR A 116 8.03 14.05 4.93
C TYR A 116 9.31 13.25 4.73
N ALA A 117 9.59 12.93 3.47
CA ALA A 117 10.80 12.20 3.09
C ALA A 117 11.31 12.71 1.74
N TYR A 118 12.62 12.59 1.56
CA TYR A 118 13.31 13.02 0.35
C TYR A 118 14.23 11.89 -0.10
N ASP A 119 14.01 11.40 -1.32
CA ASP A 119 14.78 10.31 -1.90
C ASP A 119 14.85 9.12 -0.96
N GLY A 120 13.70 8.80 -0.35
CA GLY A 120 13.53 7.61 0.46
C GLY A 120 13.86 7.78 1.93
N ALA A 121 14.44 8.91 2.33
CA ALA A 121 14.92 9.12 3.70
C ALA A 121 14.05 10.12 4.44
N ASP A 122 13.87 9.88 5.74
CA ASP A 122 13.11 10.80 6.58
C ASP A 122 13.74 12.19 6.54
N TYR A 123 12.91 13.21 6.32
CA TYR A 123 13.36 14.58 6.15
C TYR A 123 12.95 15.43 7.36
N ILE A 124 11.66 15.65 7.56
CA ILE A 124 11.16 16.36 8.73
C ILE A 124 9.84 15.70 9.11
N ALA A 125 9.53 15.73 10.42
CA ALA A 125 8.31 15.11 10.93
C ALA A 125 7.71 15.97 12.04
N LEU A 126 6.38 16.02 12.07
CA LEU A 126 5.66 16.64 13.18
C LEU A 126 5.75 15.78 14.44
N ASN A 127 6.14 16.38 15.56
CA ASN A 127 6.27 15.61 16.79
C ASN A 127 4.87 15.21 17.31
N GLU A 128 4.86 14.25 18.24
CA GLU A 128 3.61 13.67 18.72
C GLU A 128 2.75 14.68 19.48
N ASP A 129 3.36 15.72 20.04
CA ASP A 129 2.56 16.77 20.66
C ASP A 129 1.87 17.66 19.63
N LEU A 130 2.11 17.45 18.33
CA LEU A 130 1.54 18.27 17.26
C LEU A 130 1.88 19.75 17.42
N ARG A 131 2.95 20.07 18.17
CA ARG A 131 3.37 21.45 18.37
C ARG A 131 4.77 21.75 17.87
N SER A 132 5.63 20.76 17.71
CA SER A 132 7.03 20.97 17.34
C SER A 132 7.40 20.03 16.19
N TRP A 133 8.57 20.26 15.60
CA TRP A 133 9.10 19.46 14.49
C TRP A 133 10.45 18.83 14.83
N THR A 134 10.75 17.72 14.18
CA THR A 134 12.06 17.11 14.26
C THR A 134 12.63 16.99 12.85
N ALA A 135 13.78 17.61 12.62
CA ALA A 135 14.44 17.65 11.32
C ALA A 135 15.61 16.67 11.31
N ALA A 136 15.85 16.04 10.16
CA ALA A 136 16.80 14.94 10.11
C ALA A 136 18.24 15.36 9.84
N ASP A 137 18.46 16.48 9.15
CA ASP A 137 19.81 16.87 8.78
C ASP A 137 19.84 18.39 8.66
N THR A 138 20.98 18.93 8.18
CA THR A 138 21.11 20.37 7.97
C THR A 138 20.00 20.93 7.10
N ALA A 139 19.74 20.26 5.97
CA ALA A 139 18.77 20.79 5.01
C ALA A 139 17.40 20.94 5.66
N ALA A 140 16.97 19.94 6.42
CA ALA A 140 15.66 19.97 7.05
C ALA A 140 15.55 21.01 8.16
N GLN A 141 16.67 21.48 8.72
CA GLN A 141 16.58 22.54 9.74
C GLN A 141 16.21 23.87 9.11
N ILE A 142 16.62 24.10 7.87
CA ILE A 142 16.14 25.24 7.09
C ILE A 142 14.62 25.23 7.01
N THR A 143 14.06 24.07 6.64
CA THR A 143 12.60 23.93 6.57
C THR A 143 11.96 24.10 7.95
N LYS A 144 12.60 23.56 8.99
CA LYS A 144 12.05 23.64 10.34
C LYS A 144 11.92 25.08 10.82
N ARG A 145 12.93 25.90 10.54
CA ARG A 145 12.88 27.30 10.92
C ARG A 145 11.74 28.03 10.19
N LYS A 146 11.61 27.80 8.88
CA LYS A 146 10.54 28.45 8.12
C LYS A 146 9.17 28.11 8.68
N TRP A 147 8.95 26.83 9.01
CA TRP A 147 7.66 26.40 9.51
C TRP A 147 7.44 26.82 10.96
N GLU A 148 8.52 27.01 11.72
CA GLU A 148 8.37 27.59 13.05
C GLU A 148 7.96 29.05 12.95
N THR A 149 8.70 29.82 12.14
CA THR A 149 8.37 31.23 11.90
C THR A 149 6.91 31.42 11.52
N ALA A 150 6.37 30.56 10.65
CA ALA A 150 5.04 30.73 10.10
C ALA A 150 3.95 30.01 10.91
N ASN A 151 4.31 29.32 12.00
CA ASN A 151 3.33 28.71 12.90
C ASN A 151 2.55 27.58 12.20
N VAL A 152 3.23 26.85 11.30
CA VAL A 152 2.60 25.74 10.59
C VAL A 152 2.12 24.67 11.56
N ALA A 153 2.85 24.45 12.67
CA ALA A 153 2.53 23.36 13.58
C ALA A 153 1.06 23.34 14.00
N GLU A 154 0.49 24.50 14.29
CA GLU A 154 -0.88 24.43 14.78
C GLU A 154 -1.92 24.45 13.66
N ARG A 155 -1.53 24.74 12.41
CA ARG A 155 -2.42 24.46 11.28
C ARG A 155 -2.56 22.96 11.07
N ARG A 156 -1.46 22.21 11.16
CA ARG A 156 -1.52 20.76 11.08
C ARG A 156 -2.33 20.19 12.24
N ARG A 157 -2.04 20.65 13.46
CA ARG A 157 -2.73 20.16 14.65
C ARG A 157 -4.23 20.38 14.55
N SER A 158 -4.64 21.55 14.04
CA SER A 158 -6.07 21.87 13.93
C SER A 158 -6.75 20.93 12.94
N TYR A 159 -6.19 20.81 11.74
CA TYR A 159 -6.68 19.83 10.77
C TYR A 159 -6.78 18.45 11.41
N LEU A 160 -5.71 18.03 12.06
CA LEU A 160 -5.58 16.66 12.55
C LEU A 160 -6.57 16.34 13.65
N GLN A 161 -6.93 17.33 14.47
CA GLN A 161 -7.90 17.15 15.54
C GLN A 161 -9.32 17.49 15.12
N GLY A 162 -9.50 18.27 14.06
CA GLY A 162 -10.78 18.75 13.57
C GLY A 162 -11.19 18.03 12.30
N LEU A 163 -10.96 18.67 11.14
CA LEU A 163 -11.50 18.17 9.87
C LEU A 163 -11.11 16.73 9.57
N CYS A 164 -9.91 16.31 10.00
CA CYS A 164 -9.48 14.95 9.72
C CYS A 164 -10.42 13.94 10.37
N VAL A 165 -10.64 14.09 11.67
CA VAL A 165 -11.50 13.15 12.38
C VAL A 165 -12.94 13.33 11.95
N GLU A 166 -13.34 14.55 11.60
CA GLU A 166 -14.74 14.79 11.24
C GLU A 166 -15.09 14.10 9.94
N SER A 167 -14.24 14.27 8.92
CA SER A 167 -14.50 13.62 7.63
C SER A 167 -14.34 12.11 7.75
N LEU A 168 -13.32 11.65 8.49
CA LEU A 168 -13.21 10.23 8.79
C LEU A 168 -14.53 9.66 9.27
N ARG A 169 -15.19 10.35 10.21
CA ARG A 169 -16.43 9.81 10.76
C ARG A 169 -17.58 9.84 9.74
N GLU A 170 -17.65 10.87 8.89
CA GLU A 170 -18.62 10.84 7.80
C GLU A 170 -18.33 9.67 6.87
N TYR A 171 -17.08 9.56 6.40
CA TYR A 171 -16.72 8.45 5.50
C TYR A 171 -17.11 7.12 6.11
N LEU A 172 -16.88 6.95 7.43
CA LEU A 172 -17.14 5.65 8.05
C LEU A 172 -18.63 5.30 8.03
N GLU A 173 -19.50 6.31 8.11
CA GLU A 173 -20.93 6.07 8.03
C GLU A 173 -21.37 5.89 6.57
N MET A 174 -20.91 6.78 5.68
CA MET A 174 -21.20 6.67 4.26
C MET A 174 -20.94 5.27 3.75
N GLY A 175 -19.79 4.69 4.12
CA GLY A 175 -19.44 3.36 3.64
C GLY A 175 -19.47 2.31 4.73
N LYS A 176 -20.46 2.37 5.62
CA LYS A 176 -20.45 1.44 6.75
C LYS A 176 -20.70 -0.01 6.31
N ASP A 177 -21.41 -0.23 5.20
CA ASP A 177 -21.68 -1.61 4.79
C ASP A 177 -20.40 -2.34 4.39
N THR A 178 -19.40 -1.61 3.90
CA THR A 178 -18.12 -2.21 3.53
C THR A 178 -17.02 -1.87 4.50
N LEU A 179 -16.86 -0.59 4.85
CA LEU A 179 -15.76 -0.18 5.70
C LEU A 179 -15.87 -0.80 7.09
N GLN A 180 -17.09 -0.92 7.61
CA GLN A 180 -17.34 -1.37 8.98
C GLN A 180 -17.83 -2.81 9.03
N ARG A 181 -17.73 -3.53 7.92
CA ARG A 181 -17.96 -4.97 7.90
C ARG A 181 -16.62 -5.66 7.89
N ALA A 182 -16.38 -6.50 8.89
CA ALA A 182 -15.16 -7.31 8.94
C ALA A 182 -15.43 -8.59 8.16
N GLU A 183 -14.75 -8.75 7.03
CA GLU A 183 -14.96 -9.92 6.20
C GLU A 183 -13.96 -11.00 6.57
N PRO A 184 -14.40 -12.24 6.76
CA PRO A 184 -13.51 -13.28 7.28
C PRO A 184 -12.77 -13.98 6.16
N PRO A 185 -11.56 -14.48 6.42
CA PRO A 185 -10.84 -15.26 5.41
C PRO A 185 -11.48 -16.61 5.19
N LYS A 186 -11.60 -16.99 3.92
CA LYS A 186 -11.90 -18.36 3.53
C LYS A 186 -10.59 -19.14 3.50
N THR A 187 -10.47 -20.16 4.35
CA THR A 187 -9.20 -20.83 4.58
C THR A 187 -9.24 -22.27 4.09
N HIS A 188 -8.06 -22.78 3.73
CA HIS A 188 -7.86 -24.20 3.41
C HIS A 188 -6.36 -24.47 3.32
N VAL A 189 -6.01 -25.75 3.44
CA VAL A 189 -4.62 -26.20 3.49
C VAL A 189 -4.37 -27.14 2.32
N THR A 190 -3.23 -26.96 1.66
CA THR A 190 -2.82 -27.79 0.53
C THR A 190 -1.46 -28.43 0.79
N ARG A 191 -1.20 -29.54 0.11
CA ARG A 191 0.05 -30.28 0.24
C ARG A 191 0.72 -30.39 -1.12
N HIS A 192 2.06 -30.30 -1.12
CA HIS A 192 2.84 -30.29 -2.35
C HIS A 192 4.17 -30.96 -2.09
N PRO A 193 4.80 -31.54 -3.11
CA PRO A 193 6.11 -32.17 -2.91
C PRO A 193 7.21 -31.13 -2.74
N SER A 194 8.25 -31.50 -2.00
CA SER A 194 9.32 -30.58 -1.67
C SER A 194 10.70 -31.09 -2.08
N SER A 195 11.41 -31.72 -1.15
CA SER A 195 12.78 -32.16 -1.35
C SER A 195 12.96 -33.51 -0.66
N ASP A 196 14.20 -33.81 -0.29
CA ASP A 196 14.48 -35.05 0.43
C ASP A 196 13.89 -35.00 1.83
N LEU A 197 13.11 -36.02 2.19
CA LEU A 197 12.42 -36.06 3.48
C LEU A 197 11.60 -34.79 3.72
N GLY A 198 10.99 -34.28 2.65
CA GLY A 198 10.26 -33.03 2.70
C GLY A 198 8.95 -33.00 1.94
N VAL A 199 7.93 -32.47 2.60
CA VAL A 199 6.58 -32.31 2.05
C VAL A 199 6.03 -31.00 2.61
N THR A 200 5.65 -30.08 1.73
CA THR A 200 5.20 -28.77 2.19
C THR A 200 3.69 -28.74 2.39
N LEU A 201 3.27 -28.11 3.48
CA LEU A 201 1.88 -27.76 3.74
C LEU A 201 1.75 -26.25 3.61
N ARG A 202 0.74 -25.81 2.87
CA ARG A 202 0.49 -24.39 2.63
C ARG A 202 -0.92 -24.04 3.09
N CYS A 203 -1.01 -23.14 4.06
CA CYS A 203 -2.27 -22.75 4.68
C CYS A 203 -2.68 -21.38 4.14
N TRP A 204 -3.77 -21.35 3.37
CA TRP A 204 -4.21 -20.15 2.67
C TRP A 204 -5.31 -19.43 3.44
N ALA A 205 -5.24 -18.10 3.43
CA ALA A 205 -6.32 -17.23 3.88
C ALA A 205 -6.65 -16.27 2.74
N LEU A 206 -7.88 -16.36 2.23
CA LEU A 206 -8.27 -15.69 0.99
C LEU A 206 -9.47 -14.77 1.22
N GLY A 207 -9.46 -13.66 0.49
CA GLY A 207 -10.54 -12.69 0.49
C GLY A 207 -11.01 -12.21 1.85
N PHE A 208 -10.11 -11.61 2.64
CA PHE A 208 -10.46 -11.07 3.94
C PHE A 208 -10.24 -9.56 3.99
N TYR A 209 -10.93 -8.91 4.93
CA TYR A 209 -10.81 -7.49 5.20
C TYR A 209 -11.19 -7.22 6.66
N PRO A 210 -10.40 -6.41 7.40
CA PRO A 210 -9.22 -5.67 6.96
C PRO A 210 -7.94 -6.48 6.82
N LYS A 211 -6.86 -5.75 6.56
CA LYS A 211 -5.59 -6.34 6.13
C LYS A 211 -4.93 -7.11 7.27
N GLU A 212 -5.09 -6.63 8.50
CA GLU A 212 -4.44 -7.27 9.64
C GLU A 212 -4.96 -8.68 9.83
N ILE A 213 -4.04 -9.63 9.97
CA ILE A 213 -4.41 -11.02 10.21
C ILE A 213 -3.22 -11.69 10.88
N SER A 214 -3.46 -12.84 11.49
CA SER A 214 -2.40 -13.63 12.11
C SER A 214 -2.50 -15.06 11.61
N LEU A 215 -1.43 -15.53 10.97
CA LEU A 215 -1.30 -16.90 10.50
C LEU A 215 -0.10 -17.54 11.17
N THR A 216 -0.29 -18.72 11.75
CA THR A 216 0.78 -19.43 12.43
C THR A 216 0.57 -20.93 12.25
N TRP A 217 1.68 -21.67 12.18
CA TRP A 217 1.68 -23.12 12.22
C TRP A 217 2.14 -23.56 13.61
N GLN A 218 1.68 -24.74 14.02
CA GLN A 218 2.04 -25.25 15.34
C GLN A 218 2.14 -26.77 15.28
N ARG A 219 3.17 -27.30 15.93
CA ARG A 219 3.35 -28.73 16.10
C ARG A 219 3.18 -29.01 17.59
N GLU A 220 2.09 -29.70 17.93
CA GLU A 220 1.74 -29.99 19.32
C GLU A 220 1.58 -28.70 20.14
N GLY A 221 1.14 -27.63 19.50
CA GLY A 221 0.87 -26.38 20.17
C GLY A 221 2.06 -25.46 20.37
N GLN A 222 3.19 -25.70 19.70
CA GLN A 222 4.35 -24.84 19.81
C GLN A 222 4.66 -24.24 18.44
N ASP A 223 4.94 -22.94 18.43
CA ASP A 223 5.03 -22.18 17.18
C ASP A 223 6.21 -22.65 16.33
N GLN A 224 5.96 -22.80 15.02
CA GLN A 224 6.96 -23.24 14.05
C GLN A 224 7.48 -22.10 13.19
N SER A 225 7.50 -20.88 13.72
CA SER A 225 7.82 -19.70 12.93
C SER A 225 9.28 -19.63 12.48
N GLN A 226 10.15 -20.52 12.97
CA GLN A 226 11.54 -20.51 12.51
C GLN A 226 11.68 -21.11 11.12
N ASP A 227 10.93 -22.17 10.82
CA ASP A 227 11.08 -22.91 9.58
C ASP A 227 9.92 -22.69 8.62
N MET A 228 9.12 -21.65 8.82
CA MET A 228 7.92 -21.41 8.04
C MET A 228 8.09 -20.20 7.11
N GLU A 229 7.53 -20.30 5.91
CA GLU A 229 7.51 -19.20 4.95
C GLU A 229 6.17 -18.49 5.04
N LEU A 230 6.20 -17.19 5.28
CA LEU A 230 4.99 -16.36 5.40
C LEU A 230 5.07 -15.25 4.35
N VAL A 231 4.20 -15.28 3.34
CA VAL A 231 4.28 -14.23 2.33
C VAL A 231 3.67 -12.95 2.87
N GLU A 232 4.20 -11.83 2.39
CA GLU A 232 3.60 -10.52 2.67
C GLU A 232 2.12 -10.53 2.31
N THR A 233 1.30 -9.86 3.12
CA THR A 233 -0.13 -9.79 2.79
C THR A 233 -0.34 -9.01 1.49
N ARG A 234 -1.18 -9.55 0.62
CA ARG A 234 -1.29 -9.02 -0.73
C ARG A 234 -2.75 -8.75 -1.09
N PRO A 235 -3.00 -7.75 -1.94
CA PRO A 235 -4.38 -7.42 -2.30
C PRO A 235 -5.00 -8.43 -3.25
N SER A 236 -6.31 -8.64 -3.11
CA SER A 236 -7.03 -9.55 -3.99
C SER A 236 -7.43 -8.91 -5.32
N GLY A 237 -7.55 -7.58 -5.37
CA GLY A 237 -8.03 -6.87 -6.53
C GLY A 237 -9.47 -6.41 -6.41
N ASP A 238 -10.24 -7.01 -5.51
CA ASP A 238 -11.62 -6.61 -5.26
C ASP A 238 -11.77 -5.84 -3.96
N GLY A 239 -10.66 -5.43 -3.33
CA GLY A 239 -10.70 -4.75 -2.04
C GLY A 239 -10.35 -5.61 -0.86
N THR A 240 -10.32 -6.93 -1.03
CA THR A 240 -9.93 -7.84 0.04
C THR A 240 -8.45 -8.18 -0.05
N PHE A 241 -7.97 -9.03 0.86
CA PHE A 241 -6.56 -9.36 0.98
C PHE A 241 -6.37 -10.86 1.02
N GLN A 242 -5.10 -11.28 0.89
CA GLN A 242 -4.71 -12.68 0.75
C GLN A 242 -3.40 -12.90 1.48
N LYS A 243 -3.20 -14.12 1.99
CA LYS A 243 -1.96 -14.48 2.67
C LYS A 243 -1.91 -15.98 2.82
N TRP A 244 -0.70 -16.53 2.88
CA TRP A 244 -0.53 -17.94 3.20
C TRP A 244 0.76 -18.15 3.99
N ALA A 245 0.81 -19.30 4.66
CA ALA A 245 1.97 -19.72 5.44
C ALA A 245 2.24 -21.17 5.13
N ALA A 246 3.49 -21.49 4.77
CA ALA A 246 3.86 -22.84 4.40
C ALA A 246 5.05 -23.33 5.22
N LEU A 247 5.12 -24.65 5.40
CA LEU A 247 6.22 -25.26 6.14
C LEU A 247 6.45 -26.65 5.59
N VAL A 248 7.63 -27.20 5.90
CA VAL A 248 8.04 -28.51 5.42
C VAL A 248 7.93 -29.50 6.57
N VAL A 249 7.17 -30.57 6.36
CA VAL A 249 6.91 -31.57 7.39
C VAL A 249 7.45 -32.91 6.89
N PRO A 250 7.75 -33.84 7.81
CA PRO A 250 8.24 -35.16 7.38
C PRO A 250 7.10 -36.00 6.81
N PRO A 251 7.37 -36.77 5.75
CA PRO A 251 6.28 -37.42 5.00
C PRO A 251 5.51 -38.43 5.85
N GLY A 252 4.20 -38.19 5.98
CA GLY A 252 3.35 -39.00 6.83
C GLY A 252 3.07 -38.40 8.20
N GLU A 253 3.62 -37.23 8.50
CA GLU A 253 3.45 -36.59 9.81
C GLU A 253 2.55 -35.37 9.74
N GLU A 254 1.78 -35.22 8.65
CA GLU A 254 1.03 -34.00 8.42
C GLU A 254 0.07 -33.68 9.57
N GLN A 255 -0.61 -34.69 10.12
CA GLN A 255 -1.68 -34.44 11.07
C GLN A 255 -1.20 -33.90 12.41
N SER A 256 0.10 -33.88 12.64
CA SER A 256 0.65 -33.34 13.87
C SER A 256 0.76 -31.82 13.87
N TYR A 257 0.52 -31.20 12.72
CA TYR A 257 0.63 -29.76 12.57
C TYR A 257 -0.75 -29.15 12.37
N THR A 258 -0.96 -27.96 12.92
CA THR A 258 -2.19 -27.23 12.67
C THR A 258 -1.84 -25.81 12.25
N CYS A 259 -2.79 -25.18 11.56
CA CYS A 259 -2.70 -23.78 11.15
C CYS A 259 -3.67 -22.96 11.97
N HIS A 260 -3.21 -21.82 12.48
CA HIS A 260 -3.99 -21.01 13.42
C HIS A 260 -4.22 -19.62 12.83
N VAL A 261 -5.49 -19.25 12.73
CA VAL A 261 -5.90 -17.99 12.11
C VAL A 261 -6.66 -17.17 13.14
N GLN A 262 -6.21 -15.96 13.39
CA GLN A 262 -7.04 -14.96 14.04
C GLN A 262 -7.22 -13.80 13.09
N HIS A 263 -8.48 -13.42 12.88
CA HIS A 263 -8.83 -12.24 12.11
C HIS A 263 -10.03 -11.57 12.77
N GLU A 264 -10.06 -10.24 12.66
CA GLU A 264 -11.04 -9.44 13.39
C GLU A 264 -12.47 -9.83 13.04
N GLY A 265 -12.70 -10.36 11.84
CA GLY A 265 -14.02 -10.83 11.47
C GLY A 265 -14.18 -12.32 11.63
N LEU A 266 -13.65 -12.86 12.72
CA LEU A 266 -13.77 -14.28 13.04
C LEU A 266 -14.18 -14.42 14.48
N GLN A 267 -15.24 -15.19 14.74
CA GLN A 267 -15.77 -15.40 16.08
C GLN A 267 -14.66 -15.83 17.04
N GLU A 268 -14.20 -17.05 16.86
CA GLU A 268 -13.07 -17.62 17.56
C GLU A 268 -11.85 -17.64 16.66
N PRO A 269 -10.65 -17.65 17.22
CA PRO A 269 -9.49 -18.10 16.44
C PRO A 269 -9.79 -19.45 15.83
N LEU A 270 -9.45 -19.60 14.56
CA LEU A 270 -9.74 -20.84 13.85
C LEU A 270 -8.50 -21.72 13.82
N THR A 271 -8.70 -23.02 13.96
CA THR A 271 -7.65 -24.02 13.81
C THR A 271 -8.07 -24.97 12.69
N LEU A 272 -7.16 -25.18 11.73
CA LEU A 272 -7.44 -26.06 10.62
C LEU A 272 -6.20 -26.89 10.30
N ARG A 273 -6.43 -28.05 9.69
CA ARG A 273 -5.37 -29.00 9.39
C ARG A 273 -5.38 -29.36 7.90
N TRP A 274 -4.66 -30.41 7.54
CA TRP A 274 -4.65 -30.90 6.16
C TRP A 274 -5.73 -31.96 6.06
N ASP A 275 -6.67 -31.78 5.11
CA ASP A 275 -7.75 -32.75 4.91
C ASP A 275 -7.75 -33.28 3.47
N VAL B 3 20.46 5.08 -1.23
CA VAL B 3 20.42 3.74 -1.78
C VAL B 3 19.01 3.33 -2.21
N ALA B 4 18.90 2.90 -3.45
CA ALA B 4 17.65 2.38 -3.96
C ALA B 4 17.30 1.08 -3.25
N ARG B 5 16.00 0.80 -3.16
CA ARG B 5 15.47 -0.43 -2.58
C ARG B 5 14.82 -1.29 -3.64
N PRO B 6 15.09 -2.59 -3.69
CA PRO B 6 14.59 -3.45 -4.79
C PRO B 6 13.15 -3.89 -4.55
N PRO B 7 12.43 -4.25 -5.62
CA PRO B 7 11.05 -4.72 -5.45
C PRO B 7 10.98 -6.16 -5.00
N LYS B 8 10.05 -6.44 -4.11
CA LYS B 8 9.49 -7.78 -3.97
C LYS B 8 8.36 -7.94 -4.97
N VAL B 9 8.15 -9.16 -5.45
CA VAL B 9 7.20 -9.47 -6.53
C VAL B 9 6.44 -10.74 -6.16
N GLN B 10 5.12 -10.70 -6.26
CA GLN B 10 4.28 -11.89 -6.08
C GLN B 10 3.27 -11.95 -7.22
N VAL B 11 3.19 -13.11 -7.88
CA VAL B 11 2.23 -13.34 -8.96
C VAL B 11 1.27 -14.42 -8.49
N TYR B 12 -0.03 -14.17 -8.66
CA TYR B 12 -1.03 -15.02 -8.05
C TYR B 12 -2.40 -14.70 -8.63
N SER B 13 -3.34 -15.59 -8.42
CA SER B 13 -4.71 -15.39 -8.87
C SER B 13 -5.58 -14.91 -7.72
N ARG B 14 -6.68 -14.26 -8.08
CA ARG B 14 -7.60 -13.76 -7.05
C ARG B 14 -8.28 -14.92 -6.32
N HIS B 15 -8.81 -15.87 -7.09
CA HIS B 15 -9.44 -17.08 -6.59
C HIS B 15 -8.56 -18.28 -6.92
N PRO B 16 -8.77 -19.42 -6.26
CA PRO B 16 -7.98 -20.60 -6.63
C PRO B 16 -8.24 -20.98 -8.08
N ALA B 17 -7.18 -21.32 -8.79
CA ALA B 17 -7.26 -21.52 -10.23
C ALA B 17 -7.94 -22.85 -10.56
N GLU B 18 -9.00 -22.78 -11.38
CA GLU B 18 -9.63 -23.95 -11.95
C GLU B 18 -9.72 -23.76 -13.45
N ASN B 19 -9.21 -24.73 -14.21
CA ASN B 19 -9.17 -24.64 -15.67
C ASN B 19 -10.55 -24.38 -16.25
N GLY B 20 -10.62 -23.44 -17.19
CA GLY B 20 -11.88 -23.08 -17.82
C GLY B 20 -12.75 -22.11 -17.06
N LYS B 21 -12.37 -21.73 -15.84
CA LYS B 21 -13.17 -20.79 -15.06
C LYS B 21 -12.51 -19.42 -15.09
N PRO B 22 -13.18 -18.39 -15.59
CA PRO B 22 -12.60 -17.05 -15.60
C PRO B 22 -12.11 -16.64 -14.21
N ASN B 23 -10.94 -16.03 -14.16
CA ASN B 23 -10.34 -15.66 -12.88
C ASN B 23 -9.71 -14.28 -13.02
N TYR B 24 -8.79 -13.94 -12.11
CA TYR B 24 -8.08 -12.68 -12.15
C TYR B 24 -6.61 -12.92 -11.86
N LEU B 25 -5.75 -12.30 -12.66
CA LEU B 25 -4.30 -12.50 -12.56
C LEU B 25 -3.67 -11.24 -11.95
N ASN B 26 -2.93 -11.42 -10.85
CA ASN B 26 -2.34 -10.32 -10.08
C ASN B 26 -0.83 -10.38 -10.06
N CYS B 27 -0.19 -9.23 -10.25
CA CYS B 27 1.23 -9.07 -9.96
C CYS B 27 1.35 -7.91 -8.99
N TYR B 28 1.75 -8.24 -7.76
CA TYR B 28 1.85 -7.29 -6.66
C TYR B 28 3.33 -7.00 -6.44
N VAL B 29 3.73 -5.75 -6.68
CA VAL B 29 5.12 -5.33 -6.57
C VAL B 29 5.25 -4.32 -5.42
N SER B 30 6.14 -4.59 -4.47
CA SER B 30 6.16 -3.73 -3.30
C SER B 30 7.58 -3.54 -2.76
N GLY B 31 7.72 -2.52 -1.91
CA GLY B 31 8.95 -2.27 -1.19
C GLY B 31 10.06 -1.59 -1.97
N PHE B 32 9.77 -0.95 -3.08
CA PHE B 32 10.83 -0.38 -3.90
C PHE B 32 10.87 1.14 -3.77
N HIS B 33 11.96 1.71 -4.29
CA HIS B 33 12.32 3.11 -4.26
C HIS B 33 13.55 3.26 -5.15
N PRO B 34 13.59 4.21 -6.09
CA PRO B 34 12.62 5.26 -6.40
C PRO B 34 11.36 4.69 -7.09
N PRO B 35 10.34 5.52 -7.36
CA PRO B 35 9.07 4.96 -7.85
C PRO B 35 9.05 4.56 -9.33
N GLN B 36 10.01 5.01 -10.15
CA GLN B 36 10.04 4.63 -11.56
C GLN B 36 10.19 3.11 -11.67
N ILE B 37 9.30 2.48 -12.43
CA ILE B 37 9.29 1.02 -12.50
C ILE B 37 8.43 0.62 -13.70
N GLU B 38 8.72 -0.55 -14.26
CA GLU B 38 7.90 -1.14 -15.32
C GLU B 38 7.53 -2.55 -14.90
N ILE B 39 6.24 -2.80 -14.79
CA ILE B 39 5.69 -4.06 -14.31
C ILE B 39 4.78 -4.58 -15.41
N ASP B 40 5.12 -5.72 -16.01
CA ASP B 40 4.28 -6.28 -17.07
C ASP B 40 3.84 -7.70 -16.74
N LEU B 41 2.56 -7.97 -16.90
CA LEU B 41 2.06 -9.34 -16.89
C LEU B 41 2.26 -9.92 -18.27
N LEU B 42 2.71 -11.17 -18.33
CA LEU B 42 3.05 -11.84 -19.59
C LEU B 42 2.18 -13.07 -19.79
N LYS B 43 1.63 -13.23 -21.02
CA LYS B 43 0.97 -14.46 -21.47
C LYS B 43 1.89 -15.10 -22.51
N ASN B 44 2.45 -16.28 -22.17
CA ASN B 44 3.48 -16.95 -22.95
C ASN B 44 4.52 -16.00 -23.49
N GLY B 45 4.96 -15.05 -22.68
CA GLY B 45 6.01 -14.14 -23.10
C GLY B 45 5.56 -12.85 -23.72
N GLU B 46 4.29 -12.73 -24.13
CA GLU B 46 3.81 -11.48 -24.68
C GLU B 46 3.12 -10.65 -23.59
N LYS B 47 3.40 -9.35 -23.59
CA LYS B 47 2.84 -8.45 -22.59
C LYS B 47 1.32 -8.38 -22.67
N MET B 48 0.66 -8.47 -21.53
CA MET B 48 -0.80 -8.34 -21.51
C MET B 48 -1.14 -6.87 -21.28
N ASN B 49 -2.31 -6.46 -21.78
CA ASN B 49 -2.75 -5.08 -21.55
C ASN B 49 -3.43 -4.99 -20.19
N ALA B 50 -2.61 -5.09 -19.15
CA ALA B 50 -3.10 -5.17 -17.77
C ALA B 50 -3.25 -3.78 -17.15
N GLU B 51 -4.22 -3.64 -16.25
CA GLU B 51 -4.39 -2.40 -15.49
C GLU B 51 -3.42 -2.32 -14.31
N GLN B 52 -3.04 -1.10 -13.95
CA GLN B 52 -2.10 -0.84 -12.85
C GLN B 52 -2.71 0.14 -11.86
N SER B 53 -2.62 -0.18 -10.57
CA SER B 53 -3.20 0.63 -9.49
C SER B 53 -2.46 1.96 -9.30
N ASP B 54 -3.04 2.84 -8.46
CA ASP B 54 -2.45 4.16 -8.24
C ASP B 54 -1.22 4.04 -7.34
N LEU B 55 -0.25 4.93 -7.60
CA LEU B 55 1.02 4.90 -6.85
C LEU B 55 0.77 5.25 -5.40
N SER B 56 1.09 4.31 -4.51
CA SER B 56 0.97 4.45 -3.08
C SER B 56 2.30 4.01 -2.46
N PHE B 57 2.41 4.22 -1.16
CA PHE B 57 3.63 3.79 -0.48
C PHE B 57 3.28 3.47 0.97
N SER B 58 4.18 2.73 1.61
CA SER B 58 3.98 2.24 2.96
C SER B 58 4.66 3.16 3.98
N LYS B 59 4.59 2.78 5.26
CA LYS B 59 5.14 3.61 6.33
C LYS B 59 6.64 3.79 6.23
N ASP B 60 7.35 2.86 5.61
CA ASP B 60 8.79 3.04 5.46
C ASP B 60 9.14 3.86 4.23
N TRP B 61 8.13 4.45 3.56
CA TRP B 61 8.18 5.25 2.34
C TRP B 61 8.38 4.39 1.09
N SER B 62 8.41 3.07 1.18
CA SER B 62 8.64 2.24 -0.01
C SER B 62 7.33 2.05 -0.77
N PHE B 63 7.41 1.99 -2.10
CA PHE B 63 6.20 2.06 -2.94
C PHE B 63 5.61 0.67 -3.22
N TYR B 64 4.30 0.66 -3.55
CA TYR B 64 3.67 -0.60 -3.96
C TYR B 64 2.67 -0.37 -5.09
N LEU B 65 2.50 -1.39 -5.92
CA LEU B 65 1.70 -1.31 -7.14
C LEU B 65 1.09 -2.67 -7.42
N LEU B 66 -0.16 -2.68 -7.89
CA LEU B 66 -0.84 -3.90 -8.30
C LEU B 66 -1.09 -3.84 -9.80
N VAL B 67 -0.55 -4.82 -10.53
CA VAL B 67 -0.88 -5.00 -11.93
C VAL B 67 -1.85 -6.17 -12.05
N HIS B 68 -2.95 -5.97 -12.76
CA HIS B 68 -4.01 -6.97 -12.72
C HIS B 68 -4.83 -6.96 -14.01
N THR B 69 -5.32 -8.16 -14.39
CA THR B 69 -6.16 -8.27 -15.58
C THR B 69 -7.00 -9.53 -15.50
N GLU B 70 -8.05 -9.59 -16.30
CA GLU B 70 -8.86 -10.79 -16.39
C GLU B 70 -8.09 -11.88 -17.12
N PHE B 71 -8.29 -13.12 -16.69
CA PHE B 71 -7.73 -14.25 -17.43
C PHE B 71 -8.52 -15.51 -17.11
N THR B 72 -8.41 -16.50 -18.00
CA THR B 72 -9.05 -17.81 -17.83
C THR B 72 -7.96 -18.87 -17.86
N PRO B 73 -7.59 -19.42 -16.71
CA PRO B 73 -6.54 -20.44 -16.70
C PRO B 73 -6.94 -21.67 -17.50
N ASN B 74 -5.94 -22.34 -18.05
CA ASN B 74 -6.09 -23.65 -18.66
C ASN B 74 -4.77 -24.39 -18.51
N ALA B 75 -4.62 -25.51 -19.24
CA ALA B 75 -3.54 -26.43 -18.94
C ALA B 75 -2.21 -25.99 -19.55
N VAL B 76 -2.23 -25.29 -20.68
CA VAL B 76 -1.01 -25.02 -21.42
C VAL B 76 -0.55 -23.57 -21.32
N ASP B 77 -1.45 -22.61 -21.11
CA ASP B 77 -1.05 -21.20 -21.10
C ASP B 77 -0.13 -20.94 -19.91
N GLN B 78 1.03 -20.35 -20.19
CA GLN B 78 2.01 -19.95 -19.18
C GLN B 78 1.86 -18.46 -18.87
N TYR B 79 1.94 -18.12 -17.59
CA TYR B 79 1.75 -16.74 -17.14
C TYR B 79 2.88 -16.33 -16.22
N SER B 80 3.27 -15.06 -16.32
CA SER B 80 4.41 -14.59 -15.56
C SER B 80 4.33 -13.07 -15.48
N CYS B 81 5.11 -12.50 -14.55
CA CYS B 81 5.20 -11.06 -14.38
C CYS B 81 6.65 -10.64 -14.49
N ARG B 82 6.92 -9.56 -15.25
CA ARG B 82 8.28 -9.10 -15.51
C ARG B 82 8.47 -7.67 -15.01
N VAL B 83 9.54 -7.43 -14.24
CA VAL B 83 9.72 -6.17 -13.54
C VAL B 83 11.09 -5.58 -13.85
N LYS B 84 11.10 -4.34 -14.31
CA LYS B 84 12.31 -3.56 -14.56
C LYS B 84 12.40 -2.45 -13.51
N HIS B 85 13.56 -2.30 -12.90
CA HIS B 85 13.79 -1.27 -11.90
C HIS B 85 15.27 -0.95 -11.88
N VAL B 86 15.59 0.25 -11.39
CA VAL B 86 16.99 0.67 -11.33
C VAL B 86 17.82 -0.23 -10.42
N THR B 87 17.21 -0.93 -9.47
CA THR B 87 17.96 -1.87 -8.65
C THR B 87 18.27 -3.19 -9.34
N LEU B 88 17.69 -3.45 -10.51
CA LEU B 88 17.79 -4.74 -11.19
C LEU B 88 18.59 -4.54 -12.46
N ASP B 89 19.73 -5.24 -12.56
CA ASP B 89 20.53 -5.12 -13.79
C ASP B 89 19.85 -5.84 -14.95
N LYS B 90 19.19 -6.98 -14.68
CA LYS B 90 18.34 -7.68 -15.64
C LYS B 90 16.91 -7.75 -15.11
N PRO B 91 15.91 -7.75 -16.00
CA PRO B 91 14.50 -7.77 -15.55
C PRO B 91 14.22 -9.01 -14.70
N LYS B 92 13.57 -8.78 -13.55
CA LYS B 92 13.19 -9.90 -12.71
C LYS B 92 11.89 -10.51 -13.22
N ILE B 93 11.85 -11.82 -13.34
CA ILE B 93 10.71 -12.53 -13.89
C ILE B 93 10.22 -13.56 -12.89
N VAL B 94 8.93 -13.56 -12.62
CA VAL B 94 8.33 -14.52 -11.70
C VAL B 94 7.21 -15.21 -12.44
N LYS B 95 7.24 -16.54 -12.46
CA LYS B 95 6.18 -17.27 -13.14
C LYS B 95 5.04 -17.49 -12.18
N TRP B 96 3.82 -17.40 -12.69
CA TRP B 96 2.66 -17.79 -11.92
C TRP B 96 2.62 -19.31 -11.80
N ASP B 97 2.19 -19.81 -10.65
CA ASP B 97 1.74 -21.20 -10.62
C ASP B 97 0.62 -21.31 -9.60
N ARG B 98 -0.20 -22.34 -9.76
CA ARG B 98 -1.42 -22.44 -8.97
C ARG B 98 -1.13 -22.67 -7.50
N ASP B 99 0.06 -23.15 -7.16
CA ASP B 99 0.37 -23.53 -5.78
C ASP B 99 0.93 -22.38 -4.95
N HIS B 100 1.07 -21.19 -5.53
CA HIS B 100 1.56 -20.04 -4.76
C HIS B 100 0.69 -18.80 -4.95
N ALA C 1 -11.34 14.38 3.84
CA ALA C 1 -10.93 15.59 3.12
C ALA C 1 -9.48 15.95 3.43
N ALA C 2 -8.79 16.42 2.41
CA ALA C 2 -7.37 16.66 2.49
C ALA C 2 -7.09 17.92 3.31
N ALA C 3 -5.88 17.97 3.87
CA ALA C 3 -5.43 19.21 4.46
C ALA C 3 -5.06 20.20 3.37
N ILE C 4 -5.08 21.49 3.70
CA ILE C 4 -4.56 22.50 2.80
C ILE C 4 -3.07 22.66 3.09
N GLU C 5 -2.24 22.46 2.07
CA GLU C 5 -0.79 22.57 2.21
C GLU C 5 -0.33 23.79 1.43
N GLU C 6 0.20 24.76 2.14
CA GLU C 6 0.53 26.07 1.58
C GLU C 6 2.02 26.38 1.64
N GLU C 7 2.66 26.18 2.80
CA GLU C 7 4.03 26.61 2.99
C GLU C 7 5.00 25.66 2.31
N ASP C 8 6.03 26.24 1.70
CA ASP C 8 7.05 25.50 0.96
C ASP C 8 8.06 24.87 1.92
N ILE C 9 8.69 23.79 1.45
CA ILE C 9 9.84 23.19 2.12
C ILE C 9 10.97 24.20 2.17
#